data_7DCB
#
_entry.id   7DCB
#
_cell.length_a   117.980
_cell.length_b   117.980
_cell.length_c   37.736
_cell.angle_alpha   90.000
_cell.angle_beta   90.000
_cell.angle_gamma   120.000
#
_symmetry.space_group_name_H-M   'P 61'
#
loop_
_entity.id
_entity.type
_entity.pdbx_description
1 polymer 'Guanosine deaminase'
2 non-polymer 'ZINC ION'
3 non-polymer INOSINE
4 water water
#
_entity_poly.entity_id   1
_entity_poly.type   'polypeptide(L)'
_entity_poly.pdbx_seq_one_letter_code
;GPHMSDHKFLTQAVEEAYKGVDCGDGGPFGAVIVHNNEVVASCHNMVLKYTDPTAHAEVTAIREACKKLNKIELSECEIY
ASCEPCPMCFGAIHLSRLKRLVYGAKAEAAIAIGFDDFIADALRGTGVYQKSSLEIKKADGNGAAIAEQVFQNTKEKFRL
Y
;
_entity_poly.pdbx_strand_id   A,D
#
loop_
_chem_comp.id
_chem_comp.type
_chem_comp.name
_chem_comp.formula
NOS non-polymer INOSINE 'C10 H12 N4 O5'
ZN non-polymer 'ZINC ION' 'Zn 2'
#
# COMPACT_ATOMS: atom_id res chain seq x y z
N SER A 5 1.56 21.80 18.17
CA SER A 5 0.84 20.53 18.16
C SER A 5 1.45 19.57 17.15
N ASP A 6 1.97 20.09 16.04
CA ASP A 6 2.65 19.24 15.07
C ASP A 6 3.78 18.46 15.74
N HIS A 7 4.58 19.15 16.54
CA HIS A 7 5.72 18.50 17.17
C HIS A 7 5.27 17.40 18.12
N LYS A 8 4.17 17.62 18.84
CA LYS A 8 3.69 16.62 19.80
C LYS A 8 3.35 15.31 19.11
N PHE A 9 2.61 15.37 18.00
CA PHE A 9 2.18 14.15 17.34
C PHE A 9 3.32 13.50 16.57
N LEU A 10 4.20 14.29 15.97
CA LEU A 10 5.38 13.71 15.34
C LEU A 10 6.24 12.99 16.37
N THR A 11 6.39 13.57 17.57
CA THR A 11 7.14 12.92 18.64
C THR A 11 6.47 11.60 19.04
N GLN A 12 5.14 11.58 19.12
CA GLN A 12 4.47 10.33 19.44
C GLN A 12 4.70 9.27 18.35
N ALA A 13 4.78 9.69 17.09
CA ALA A 13 5.09 8.73 16.01
C ALA A 13 6.50 8.16 16.16
N VAL A 14 7.47 9.02 16.48
CA VAL A 14 8.84 8.57 16.73
C VAL A 14 8.87 7.59 17.92
N GLU A 15 8.08 7.90 18.95
CA GLU A 15 7.94 7.00 20.09
C GLU A 15 7.44 5.64 19.65
N GLU A 16 6.45 5.61 18.76
CA GLU A 16 5.95 4.32 18.25
C GLU A 16 7.06 3.56 17.54
N ALA A 17 7.89 4.28 16.76
CA ALA A 17 9.02 3.63 16.11
C ALA A 17 9.89 2.88 17.11
N TYR A 18 10.29 3.59 18.18
CA TYR A 18 11.12 2.96 19.22
C TYR A 18 10.38 1.80 19.88
N LYS A 19 9.11 2.00 20.21
CA LYS A 19 8.29 0.95 20.82
C LYS A 19 8.28 -0.31 19.99
N GLY A 20 8.12 -0.17 18.68
CA GLY A 20 8.04 -1.34 17.82
C GLY A 20 9.36 -2.07 17.72
N VAL A 21 10.47 -1.33 17.66
CA VAL A 21 11.76 -2.01 17.67
C VAL A 21 11.95 -2.76 18.99
N ASP A 22 11.57 -2.14 20.11
CA ASP A 22 11.71 -2.79 21.40
C ASP A 22 10.85 -4.06 21.49
N CYS A 23 9.66 -4.01 20.91
CA CYS A 23 8.71 -5.13 20.96
C CYS A 23 9.11 -6.27 20.03
N GLY A 24 9.97 -6.01 19.05
CA GLY A 24 10.23 -6.97 18.00
C GLY A 24 9.18 -7.01 16.91
N ASP A 25 8.30 -5.99 16.85
CA ASP A 25 7.19 -6.02 15.90
C ASP A 25 7.64 -5.79 14.47
N GLY A 26 8.74 -5.06 14.29
CA GLY A 26 9.15 -4.66 12.96
C GLY A 26 10.22 -3.59 13.04
N GLY A 27 10.31 -2.79 11.97
CA GLY A 27 11.35 -1.79 11.86
C GLY A 27 11.00 -0.52 12.62
N PRO A 28 11.98 0.38 12.69
CA PRO A 28 11.87 1.63 13.47
C PRO A 28 11.04 2.70 12.76
N PHE A 29 9.74 2.47 12.70
CA PHE A 29 8.83 3.38 12.01
C PHE A 29 7.54 3.50 12.81
N GLY A 30 7.02 4.71 12.91
CA GLY A 30 5.78 4.95 13.60
C GLY A 30 4.88 5.87 12.81
N ALA A 31 3.60 5.83 13.15
CA ALA A 31 2.62 6.69 12.50
C ALA A 31 1.46 6.95 13.46
N VAL A 32 1.04 8.20 13.51
CA VAL A 32 -0.05 8.64 14.37
C VAL A 32 -1.07 9.35 13.49
N ILE A 33 -2.32 8.92 13.57
CA ILE A 33 -3.40 9.57 12.86
C ILE A 33 -4.28 10.27 13.88
N VAL A 34 -4.54 11.55 13.65
CA VAL A 34 -5.25 12.40 14.60
C VAL A 34 -6.48 12.98 13.92
N HIS A 35 -7.57 13.02 14.67
CA HIS A 35 -8.76 13.79 14.34
C HIS A 35 -8.66 15.07 15.16
N ASN A 36 -8.00 16.07 14.58
CA ASN A 36 -7.63 17.31 15.26
C ASN A 36 -6.72 16.94 16.43
N ASN A 37 -7.04 17.28 17.67
CA ASN A 37 -6.16 16.96 18.78
C ASN A 37 -6.46 15.61 19.42
N GLU A 38 -7.26 14.77 18.77
CA GLU A 38 -7.60 13.45 19.28
C GLU A 38 -6.85 12.39 18.47
N VAL A 39 -6.01 11.62 19.16
CA VAL A 39 -5.30 10.53 18.50
C VAL A 39 -6.30 9.43 18.20
N VAL A 40 -6.46 9.11 16.92
CA VAL A 40 -7.40 8.06 16.51
C VAL A 40 -6.60 6.77 16.30
N ALA A 41 -5.33 6.89 15.94
CA ALA A 41 -4.52 5.69 15.78
C ALA A 41 -3.07 6.01 16.10
N SER A 42 -2.40 5.07 16.77
CA SER A 42 -1.00 5.22 17.17
C SER A 42 -0.32 3.87 16.94
N CYS A 43 0.46 3.76 15.87
CA CYS A 43 0.92 2.46 15.41
C CYS A 43 2.39 2.51 15.04
N HIS A 44 2.96 1.32 14.87
CA HIS A 44 4.30 1.18 14.33
C HIS A 44 4.31 0.03 13.33
N ASN A 45 5.44 -0.14 12.65
CA ASN A 45 5.60 -1.22 11.68
C ASN A 45 5.33 -2.57 12.34
N MET A 46 4.46 -3.38 11.71
CA MET A 46 4.07 -4.69 12.23
C MET A 46 4.44 -5.82 11.27
N VAL A 47 5.43 -5.59 10.39
CA VAL A 47 5.74 -6.55 9.34
C VAL A 47 6.12 -7.90 9.94
N LEU A 48 7.01 -7.88 10.93
CA LEU A 48 7.48 -9.14 11.52
C LEU A 48 6.41 -9.78 12.40
N LYS A 49 5.70 -8.97 13.19
CA LYS A 49 4.66 -9.53 14.05
C LYS A 49 3.54 -10.17 13.24
N TYR A 50 3.09 -9.49 12.18
CA TYR A 50 1.94 -9.96 11.40
C TYR A 50 2.32 -10.88 10.25
N THR A 51 3.61 -11.06 9.95
CA THR A 51 4.04 -11.77 8.75
C THR A 51 3.39 -11.13 7.52
N ASP A 52 3.49 -9.81 7.44
CA ASP A 52 2.75 -9.03 6.44
C ASP A 52 3.66 -7.91 5.95
N PRO A 53 4.21 -8.02 4.75
CA PRO A 53 5.09 -6.94 4.24
C PRO A 53 4.35 -5.65 3.96
N THR A 54 3.02 -5.65 3.96
CA THR A 54 2.28 -4.40 3.77
C THR A 54 1.99 -3.68 5.07
N ALA A 55 2.33 -4.28 6.21
CA ALA A 55 1.98 -3.69 7.51
C ALA A 55 3.01 -2.66 7.97
N HIS A 56 3.32 -1.70 7.09
CA HIS A 56 4.09 -0.56 7.52
C HIS A 56 3.31 0.23 8.56
N ALA A 57 4.02 1.13 9.26
CA ALA A 57 3.41 1.95 10.30
C ALA A 57 2.22 2.75 9.77
N GLU A 58 2.39 3.39 8.61
CA GLU A 58 1.32 4.23 8.08
C GLU A 58 0.11 3.40 7.66
N VAL A 59 0.34 2.29 6.97
CA VAL A 59 -0.76 1.41 6.56
C VAL A 59 -1.49 0.86 7.79
N THR A 60 -0.72 0.43 8.80
CA THR A 60 -1.35 -0.07 10.04
C THR A 60 -2.19 1.02 10.69
N ALA A 61 -1.67 2.24 10.75
CA ALA A 61 -2.42 3.33 11.36
C ALA A 61 -3.69 3.63 10.59
N ILE A 62 -3.63 3.57 9.26
CA ILE A 62 -4.82 3.82 8.45
C ILE A 62 -5.87 2.75 8.73
N ARG A 63 -5.48 1.48 8.73
CA ARG A 63 -6.42 0.41 9.01
C ARG A 63 -7.09 0.63 10.36
N GLU A 64 -6.29 0.97 11.37
CA GLU A 64 -6.84 1.12 12.71
C GLU A 64 -7.72 2.36 12.83
N ALA A 65 -7.35 3.45 12.16
CA ALA A 65 -8.16 4.67 12.24
C ALA A 65 -9.49 4.48 11.55
N CYS A 66 -9.49 3.77 10.41
CA CYS A 66 -10.74 3.49 9.73
C CYS A 66 -11.65 2.60 10.57
N LYS A 67 -11.07 1.61 11.27
CA LYS A 67 -11.88 0.82 12.18
C LYS A 67 -12.41 1.66 13.34
N LYS A 68 -11.58 2.55 13.88
CA LYS A 68 -11.99 3.39 14.99
C LYS A 68 -13.14 4.31 14.61
N LEU A 69 -13.06 4.93 13.44
CA LEU A 69 -14.03 5.94 13.02
C LEU A 69 -15.20 5.34 12.23
N ASN A 70 -15.14 4.06 11.89
CA ASN A 70 -16.21 3.37 11.16
C ASN A 70 -16.46 4.00 9.79
N LYS A 71 -15.38 4.35 9.09
CA LYS A 71 -15.47 4.92 7.76
C LYS A 71 -14.19 4.57 6.99
N ILE A 72 -14.29 4.55 5.66
CA ILE A 72 -13.16 4.19 4.82
C ILE A 72 -12.39 5.41 4.31
N GLU A 73 -12.81 6.61 4.69
CA GLU A 73 -12.12 7.82 4.28
C GLU A 73 -11.84 8.67 5.50
N LEU A 74 -10.65 9.26 5.53
CA LEU A 74 -10.16 9.97 6.69
C LEU A 74 -9.94 11.44 6.38
N SER A 75 -10.88 12.03 5.62
CA SER A 75 -10.72 13.41 5.17
C SER A 75 -10.62 14.40 6.32
N GLU A 76 -11.10 14.02 7.51
CA GLU A 76 -11.07 14.91 8.66
C GLU A 76 -9.77 14.82 9.44
N CYS A 77 -8.92 13.84 9.13
CA CYS A 77 -7.77 13.48 9.94
C CYS A 77 -6.47 13.87 9.26
N GLU A 78 -5.42 13.94 10.07
CA GLU A 78 -4.06 14.15 9.58
C GLU A 78 -3.17 13.01 10.05
N ILE A 79 -2.09 12.75 9.30
CA ILE A 79 -1.19 11.64 9.60
C ILE A 79 0.19 12.20 9.86
N TYR A 80 0.84 11.70 10.91
CA TYR A 80 2.21 12.03 11.27
C TYR A 80 3.03 10.76 11.12
N ALA A 81 4.01 10.79 10.23
CA ALA A 81 4.86 9.65 9.94
C ALA A 81 6.27 9.95 10.45
N SER A 82 6.82 9.04 11.24
CA SER A 82 8.19 9.24 11.71
C SER A 82 9.16 9.29 10.54
N CYS A 83 8.87 8.57 9.46
CA CYS A 83 9.70 8.58 8.27
C CYS A 83 8.85 8.95 7.06
N GLU A 84 9.48 9.60 6.08
CA GLU A 84 8.84 9.93 4.81
C GLU A 84 8.16 8.70 4.21
N PRO A 85 6.84 8.72 4.01
CA PRO A 85 6.13 7.52 3.54
C PRO A 85 6.63 7.01 2.19
N CYS A 86 6.67 5.69 2.06
CA CYS A 86 7.16 5.01 0.88
C CYS A 86 6.07 5.00 -0.20
N PRO A 87 6.37 4.51 -1.41
CA PRO A 87 5.33 4.49 -2.46
C PRO A 87 4.06 3.76 -2.05
N MET A 88 4.18 2.64 -1.35
CA MET A 88 2.97 1.92 -0.93
C MET A 88 2.18 2.74 0.08
N CYS A 89 2.86 3.22 1.13
CA CYS A 89 2.20 3.98 2.17
C CYS A 89 1.63 5.29 1.66
N PHE A 90 2.37 6.01 0.80
CA PHE A 90 1.82 7.24 0.26
C PHE A 90 0.64 6.94 -0.67
N GLY A 91 0.65 5.80 -1.35
CA GLY A 91 -0.54 5.38 -2.08
C GLY A 91 -1.73 5.18 -1.15
N ALA A 92 -1.50 4.47 -0.04
CA ALA A 92 -2.55 4.25 0.95
C ALA A 92 -3.06 5.58 1.52
N ILE A 93 -2.14 6.50 1.80
CA ILE A 93 -2.52 7.83 2.30
C ILE A 93 -3.40 8.55 1.29
N HIS A 94 -3.04 8.45 0.00
CA HIS A 94 -3.89 8.98 -1.06
C HIS A 94 -5.29 8.38 -1.00
N LEU A 95 -5.36 7.04 -1.00
CA LEU A 95 -6.65 6.36 -1.06
C LEU A 95 -7.51 6.68 0.15
N SER A 96 -6.89 6.84 1.32
CA SER A 96 -7.63 7.13 2.54
C SER A 96 -8.16 8.55 2.61
N ARG A 97 -7.73 9.42 1.71
CA ARG A 97 -8.15 10.82 1.64
C ARG A 97 -7.75 11.62 2.87
N LEU A 98 -6.71 11.21 3.59
CA LEU A 98 -6.16 12.01 4.66
C LEU A 98 -5.85 13.41 4.13
N LYS A 99 -6.14 14.43 4.93
CA LYS A 99 -6.07 15.79 4.43
C LYS A 99 -4.69 16.44 4.62
N ARG A 100 -3.83 15.85 5.45
CA ARG A 100 -2.53 16.44 5.69
C ARG A 100 -1.57 15.37 6.19
N LEU A 101 -0.32 15.43 5.72
CA LEU A 101 0.74 14.53 6.12
C LEU A 101 1.91 15.36 6.65
N VAL A 102 2.39 14.99 7.83
CA VAL A 102 3.58 15.59 8.43
C VAL A 102 4.57 14.46 8.65
N TYR A 103 5.75 14.57 8.05
CA TYR A 103 6.73 13.51 8.25
C TYR A 103 8.04 14.08 8.77
N GLY A 104 8.76 13.23 9.51
CA GLY A 104 9.91 13.70 10.26
C GLY A 104 11.25 13.59 9.57
N ALA A 105 11.57 12.40 9.06
CA ALA A 105 12.88 12.15 8.46
C ALA A 105 12.73 11.93 6.96
N LYS A 106 13.66 12.50 6.19
CA LYS A 106 13.72 12.19 4.78
C LYS A 106 14.01 10.71 4.58
N ALA A 107 13.47 10.14 3.50
CA ALA A 107 13.62 8.71 3.23
C ALA A 107 15.08 8.28 3.24
N GLU A 108 15.98 9.19 2.85
CA GLU A 108 17.41 8.87 2.84
C GLU A 108 17.91 8.45 4.22
N ALA A 109 17.29 8.94 5.29
CA ALA A 109 17.77 8.58 6.64
C ALA A 109 17.49 7.11 6.93
N ALA A 110 16.34 6.59 6.47
CA ALA A 110 16.05 5.17 6.63
C ALA A 110 16.82 4.33 5.63
N ILE A 111 16.98 4.84 4.40
CA ILE A 111 17.73 4.11 3.38
C ILE A 111 19.18 3.92 3.81
N ALA A 112 19.74 4.91 4.52
CA ALA A 112 21.13 4.86 4.93
C ALA A 112 21.44 3.67 5.83
N ILE A 113 20.44 3.10 6.51
CA ILE A 113 20.66 1.96 7.38
C ILE A 113 20.12 0.67 6.76
N GLY A 114 19.91 0.64 5.45
CA GLY A 114 19.70 -0.61 4.74
C GLY A 114 18.31 -0.91 4.23
N PHE A 115 17.35 -0.01 4.41
CA PHE A 115 16.07 -0.22 3.74
C PHE A 115 16.17 0.22 2.28
N ASP A 116 15.24 -0.28 1.48
CA ASP A 116 15.31 -0.12 0.03
C ASP A 116 15.25 1.34 -0.38
N ASP A 117 16.03 1.69 -1.40
CA ASP A 117 15.90 2.97 -2.07
C ASP A 117 14.57 3.00 -2.81
N PHE A 118 13.52 3.43 -2.12
CA PHE A 118 12.13 3.16 -2.47
C PHE A 118 11.36 4.42 -2.08
N ILE A 119 11.36 5.43 -2.96
CA ILE A 119 10.91 6.77 -2.64
C ILE A 119 9.68 7.12 -3.49
N ALA A 120 8.71 7.78 -2.86
CA ALA A 120 7.46 8.17 -3.50
C ALA A 120 7.63 9.46 -4.29
N ASP A 121 7.62 9.36 -5.62
CA ASP A 121 7.67 10.55 -6.47
C ASP A 121 6.54 11.51 -6.14
N ALA A 122 5.32 10.99 -5.98
CA ALA A 122 4.15 11.84 -5.76
C ALA A 122 4.30 12.66 -4.49
N LEU A 123 5.00 12.12 -3.48
CA LEU A 123 5.26 12.90 -2.27
C LEU A 123 6.24 14.03 -2.54
N ARG A 124 7.33 13.73 -3.26
CA ARG A 124 8.39 14.70 -3.46
C ARG A 124 8.07 15.71 -4.57
N GLY A 125 6.98 15.53 -5.29
CA GLY A 125 6.61 16.44 -6.35
C GLY A 125 7.10 16.04 -7.72
N THR A 126 7.62 14.82 -7.89
CA THR A 126 8.06 14.31 -9.18
C THR A 126 7.15 13.22 -9.71
N GLY A 127 5.93 13.12 -9.18
CA GLY A 127 4.96 12.20 -9.73
C GLY A 127 4.35 12.74 -11.01
N VAL A 128 4.03 11.83 -11.91
CA VAL A 128 3.38 12.17 -13.17
C VAL A 128 2.01 11.52 -13.29
N TYR A 129 1.95 10.20 -13.12
CA TYR A 129 0.68 9.49 -13.20
C TYR A 129 -0.08 9.49 -11.88
N GLN A 130 0.61 9.73 -10.77
CA GLN A 130 -0.04 9.87 -9.47
C GLN A 130 -0.03 11.35 -9.10
N LYS A 131 -1.22 11.91 -8.89
CA LYS A 131 -1.37 13.32 -8.58
C LYS A 131 -1.78 13.46 -7.11
N SER A 132 -0.84 13.88 -6.28
CA SER A 132 -1.11 14.17 -4.88
C SER A 132 -1.75 15.55 -4.75
N SER A 133 -2.66 15.69 -3.79
CA SER A 133 -3.27 16.98 -3.48
C SER A 133 -3.20 17.36 -2.01
N LEU A 134 -3.01 16.40 -1.11
CA LEU A 134 -3.06 16.70 0.31
C LEU A 134 -1.91 17.62 0.72
N GLU A 135 -2.11 18.34 1.83
CA GLU A 135 -1.06 19.14 2.42
C GLU A 135 0.09 18.25 2.88
N ILE A 136 1.32 18.64 2.57
CA ILE A 136 2.49 17.88 2.99
C ILE A 136 3.48 18.81 3.68
N LYS A 137 3.94 18.42 4.87
CA LYS A 137 4.94 19.17 5.62
C LYS A 137 6.08 18.22 6.00
N LYS A 138 7.28 18.55 5.53
CA LYS A 138 8.49 17.90 6.01
C LYS A 138 8.98 18.60 7.27
N ALA A 139 9.28 17.84 8.32
CA ALA A 139 9.68 18.44 9.57
C ALA A 139 11.07 19.06 9.46
N ASP A 140 11.29 20.11 10.24
CA ASP A 140 12.62 20.69 10.39
C ASP A 140 12.96 20.85 11.86
N GLY A 141 14.11 21.43 12.16
CA GLY A 141 14.47 21.70 13.56
C GLY A 141 14.48 20.44 14.40
N ASN A 142 13.87 20.54 15.58
CA ASN A 142 13.92 19.44 16.55
C ASN A 142 13.14 18.23 16.06
N GLY A 143 12.09 18.44 15.24
CA GLY A 143 11.34 17.31 14.72
C GLY A 143 12.18 16.46 13.78
N ALA A 144 12.83 17.12 12.81
CA ALA A 144 13.78 16.43 11.96
C ALA A 144 14.89 15.78 12.78
N ALA A 145 15.35 16.46 13.84
CA ALA A 145 16.42 15.92 14.67
C ALA A 145 16.03 14.58 15.30
N ILE A 146 14.87 14.53 15.96
CA ILE A 146 14.50 13.29 16.64
C ILE A 146 14.19 12.19 15.62
N ALA A 147 13.52 12.57 14.52
CA ALA A 147 13.15 11.58 13.51
C ALA A 147 14.40 10.94 12.90
N GLU A 148 15.41 11.76 12.59
CA GLU A 148 16.64 11.20 12.04
C GLU A 148 17.42 10.43 13.09
N GLN A 149 17.35 10.84 14.36
CA GLN A 149 18.09 10.14 15.39
C GLN A 149 17.57 8.71 15.58
N VAL A 150 16.29 8.50 15.28
CA VAL A 150 15.71 7.15 15.36
C VAL A 150 16.65 6.10 14.77
N PHE A 151 17.16 6.37 13.58
CA PHE A 151 17.87 5.34 12.82
C PHE A 151 19.27 5.08 13.35
N GLN A 152 19.92 6.08 13.94
CA GLN A 152 21.19 5.83 14.58
C GLN A 152 21.00 5.12 15.92
N ASN A 153 19.93 5.47 16.66
CA ASN A 153 19.71 4.85 17.98
C ASN A 153 19.26 3.40 17.87
N THR A 154 18.55 3.04 16.80
CA THR A 154 18.01 1.68 16.65
C THR A 154 18.91 0.78 15.83
N LYS A 155 20.08 1.25 15.42
CA LYS A 155 20.95 0.48 14.54
C LYS A 155 21.30 -0.86 15.18
N GLU A 156 21.09 -1.94 14.40
CA GLU A 156 21.40 -3.31 14.79
C GLU A 156 20.54 -3.82 15.94
N LYS A 157 19.39 -3.21 16.18
CA LYS A 157 18.45 -3.69 17.20
C LYS A 157 17.21 -4.32 16.58
N PHE A 158 17.23 -4.62 15.28
CA PHE A 158 16.09 -5.18 14.59
C PHE A 158 16.57 -5.83 13.31
N ARG A 159 15.79 -6.78 12.83
CA ARG A 159 16.08 -7.45 11.57
C ARG A 159 15.55 -6.62 10.41
N LEU A 160 16.37 -6.44 9.38
CA LEU A 160 15.92 -5.71 8.21
C LEU A 160 15.01 -6.58 7.35
N TYR A 161 14.16 -5.91 6.57
CA TYR A 161 13.14 -6.59 5.78
C TYR A 161 12.81 -5.79 4.53
N SER B 5 -0.71 -20.82 -19.17
CA SER B 5 -0.70 -20.69 -17.71
C SER B 5 -1.10 -19.29 -17.27
N ASP B 6 -0.58 -18.27 -17.96
CA ASP B 6 -0.92 -16.90 -17.63
C ASP B 6 -2.42 -16.65 -17.75
N HIS B 7 -3.02 -17.15 -18.83
CA HIS B 7 -4.43 -16.89 -19.10
C HIS B 7 -5.33 -17.50 -18.03
N LYS B 8 -4.99 -18.70 -17.55
CA LYS B 8 -5.81 -19.35 -16.53
C LYS B 8 -5.86 -18.53 -15.24
N PHE B 9 -4.71 -18.05 -14.77
CA PHE B 9 -4.68 -17.33 -13.51
C PHE B 9 -5.21 -15.91 -13.65
N LEU B 10 -4.99 -15.27 -14.80
CA LEU B 10 -5.63 -13.98 -15.05
C LEU B 10 -7.15 -14.10 -15.03
N THR B 11 -7.69 -15.11 -15.72
CA THR B 11 -9.13 -15.29 -15.73
C THR B 11 -9.65 -15.67 -14.34
N GLN B 12 -8.85 -16.38 -13.54
CA GLN B 12 -9.25 -16.60 -12.14
C GLN B 12 -9.33 -15.29 -11.37
N ALA B 13 -8.38 -14.38 -11.59
CA ALA B 13 -8.45 -13.07 -10.94
C ALA B 13 -9.70 -12.30 -11.36
N VAL B 14 -10.08 -12.43 -12.64
CA VAL B 14 -11.29 -11.75 -13.10
C VAL B 14 -12.54 -12.36 -12.45
N GLU B 15 -12.58 -13.70 -12.36
CA GLU B 15 -13.67 -14.34 -11.63
C GLU B 15 -13.74 -13.86 -10.19
N GLU B 16 -12.58 -13.66 -9.56
CA GLU B 16 -12.56 -13.11 -8.21
C GLU B 16 -13.19 -11.71 -8.18
N ALA B 17 -12.86 -10.89 -9.18
CA ALA B 17 -13.45 -9.55 -9.27
C ALA B 17 -14.97 -9.62 -9.29
N TYR B 18 -15.52 -10.51 -10.12
CA TYR B 18 -16.97 -10.64 -10.22
C TYR B 18 -17.57 -11.16 -8.92
N LYS B 19 -16.97 -12.21 -8.35
CA LYS B 19 -17.46 -12.76 -7.09
C LYS B 19 -17.46 -11.70 -5.99
N GLY B 20 -16.44 -10.85 -5.96
CA GLY B 20 -16.35 -9.86 -4.90
C GLY B 20 -17.40 -8.78 -5.02
N VAL B 21 -17.66 -8.30 -6.25
CA VAL B 21 -18.72 -7.30 -6.37
C VAL B 21 -20.07 -7.92 -6.13
N ASP B 22 -20.24 -9.20 -6.48
CA ASP B 22 -21.51 -9.86 -6.21
C ASP B 22 -21.74 -10.00 -4.70
N CYS B 23 -20.69 -10.36 -3.96
CA CYS B 23 -20.78 -10.47 -2.50
C CYS B 23 -20.95 -9.12 -1.82
N GLY B 24 -20.63 -8.02 -2.49
CA GLY B 24 -20.57 -6.74 -1.84
C GLY B 24 -19.30 -6.51 -1.03
N ASP B 25 -18.28 -7.36 -1.20
CA ASP B 25 -17.04 -7.21 -0.44
C ASP B 25 -16.31 -5.92 -0.80
N GLY B 26 -16.34 -5.53 -2.07
CA GLY B 26 -15.61 -4.36 -2.54
C GLY B 26 -15.80 -4.13 -4.02
N GLY B 27 -14.83 -3.51 -4.68
CA GLY B 27 -14.94 -3.21 -6.10
C GLY B 27 -14.56 -4.39 -6.97
N PRO B 28 -14.74 -4.22 -8.30
CA PRO B 28 -14.48 -5.30 -9.28
C PRO B 28 -13.01 -5.51 -9.60
N PHE B 29 -12.30 -6.04 -8.60
CA PHE B 29 -10.86 -6.28 -8.72
C PHE B 29 -10.52 -7.57 -8.04
N GLY B 30 -9.68 -8.38 -8.69
CA GLY B 30 -9.28 -9.65 -8.15
C GLY B 30 -7.78 -9.81 -8.32
N ALA B 31 -7.21 -10.70 -7.51
CA ALA B 31 -5.79 -10.94 -7.55
C ALA B 31 -5.51 -12.37 -7.14
N VAL B 32 -4.60 -13.03 -7.85
CA VAL B 32 -4.23 -14.42 -7.62
C VAL B 32 -2.72 -14.50 -7.52
N ILE B 33 -2.23 -15.17 -6.46
CA ILE B 33 -0.79 -15.36 -6.27
C ILE B 33 -0.49 -16.85 -6.39
N VAL B 34 0.49 -17.17 -7.24
CA VAL B 34 0.76 -18.56 -7.59
C VAL B 34 2.24 -18.87 -7.40
N HIS B 35 2.52 -20.12 -7.04
CA HIS B 35 3.87 -20.66 -6.99
C HIS B 35 3.91 -21.72 -8.10
N ASN B 36 4.46 -21.33 -9.26
CA ASN B 36 4.36 -22.08 -10.51
C ASN B 36 2.89 -22.41 -10.75
N ASN B 37 2.47 -23.67 -10.78
CA ASN B 37 1.09 -23.99 -11.12
C ASN B 37 0.20 -24.08 -9.89
N GLU B 38 0.71 -23.78 -8.71
CA GLU B 38 -0.03 -23.91 -7.46
C GLU B 38 -0.50 -22.54 -7.00
N VAL B 39 -1.80 -22.41 -6.76
CA VAL B 39 -2.38 -21.16 -6.30
C VAL B 39 -2.13 -21.03 -4.79
N VAL B 40 -1.46 -19.96 -4.38
CA VAL B 40 -1.23 -19.72 -2.97
C VAL B 40 -2.37 -18.92 -2.35
N ALA B 41 -2.88 -17.90 -3.05
CA ALA B 41 -4.00 -17.11 -2.56
C ALA B 41 -4.81 -16.63 -3.75
N SER B 42 -6.11 -16.46 -3.52
CA SER B 42 -7.05 -16.01 -4.54
C SER B 42 -8.03 -15.08 -3.85
N CYS B 43 -7.99 -13.80 -4.19
CA CYS B 43 -8.70 -12.78 -3.42
C CYS B 43 -9.31 -11.74 -4.33
N HIS B 44 -10.23 -10.98 -3.77
CA HIS B 44 -10.77 -9.80 -4.42
C HIS B 44 -10.73 -8.62 -3.46
N ASN B 45 -11.05 -7.45 -3.98
CA ASN B 45 -11.15 -6.24 -3.18
C ASN B 45 -12.09 -6.44 -2.01
N MET B 46 -11.62 -6.10 -0.80
CA MET B 46 -12.38 -6.28 0.44
C MET B 46 -12.62 -4.96 1.16
N VAL B 47 -12.51 -3.84 0.43
CA VAL B 47 -12.54 -2.51 1.04
C VAL B 47 -13.84 -2.28 1.79
N LEU B 48 -14.97 -2.68 1.19
CA LEU B 48 -16.26 -2.44 1.82
C LEU B 48 -16.50 -3.41 2.98
N LYS B 49 -16.13 -4.68 2.80
CA LYS B 49 -16.33 -5.67 3.85
C LYS B 49 -15.48 -5.37 5.08
N TYR B 50 -14.24 -4.91 4.86
CA TYR B 50 -13.29 -4.73 5.95
C TYR B 50 -13.29 -3.32 6.54
N THR B 51 -14.01 -2.37 5.92
CA THR B 51 -13.87 -0.96 6.28
C THR B 51 -12.41 -0.55 6.28
N ASP B 52 -11.74 -0.80 5.15
CA ASP B 52 -10.28 -0.70 5.05
C ASP B 52 -9.94 -0.30 3.63
N PRO B 53 -9.57 0.97 3.39
CA PRO B 53 -9.25 1.41 2.02
C PRO B 53 -7.94 0.84 1.49
N THR B 54 -7.15 0.17 2.32
CA THR B 54 -5.95 -0.50 1.83
C THR B 54 -6.22 -1.93 1.37
N ALA B 55 -7.44 -2.43 1.55
CA ALA B 55 -7.76 -3.82 1.22
C ALA B 55 -8.13 -3.99 -0.25
N HIS B 56 -7.30 -3.44 -1.14
CA HIS B 56 -7.40 -3.77 -2.54
C HIS B 56 -7.16 -5.27 -2.74
N ALA B 57 -7.51 -5.76 -3.93
CA ALA B 57 -7.34 -7.18 -4.23
C ALA B 57 -5.88 -7.60 -4.09
N GLU B 58 -4.96 -6.83 -4.68
CA GLU B 58 -3.56 -7.20 -4.66
C GLU B 58 -3.00 -7.24 -3.25
N VAL B 59 -3.29 -6.21 -2.45
CA VAL B 59 -2.82 -6.19 -1.06
C VAL B 59 -3.42 -7.36 -0.29
N THR B 60 -4.71 -7.63 -0.47
CA THR B 60 -5.34 -8.73 0.24
C THR B 60 -4.67 -10.06 -0.10
N ALA B 61 -4.42 -10.28 -1.39
CA ALA B 61 -3.75 -11.51 -1.82
C ALA B 61 -2.35 -11.60 -1.22
N ILE B 62 -1.61 -10.50 -1.19
CA ILE B 62 -0.27 -10.51 -0.61
C ILE B 62 -0.34 -10.91 0.87
N ARG B 63 -1.25 -10.28 1.62
CA ARG B 63 -1.41 -10.59 3.03
C ARG B 63 -1.71 -12.08 3.24
N GLU B 64 -2.67 -12.60 2.48
CA GLU B 64 -3.09 -13.99 2.66
C GLU B 64 -2.01 -14.97 2.25
N ALA B 65 -1.29 -14.68 1.16
CA ALA B 65 -0.21 -15.55 0.71
C ALA B 65 0.93 -15.59 1.72
N CYS B 66 1.30 -14.41 2.25
CA CYS B 66 2.38 -14.37 3.23
C CYS B 66 2.00 -15.13 4.49
N LYS B 67 0.76 -14.96 4.97
CA LYS B 67 0.31 -15.72 6.12
C LYS B 67 0.32 -17.22 5.84
N LYS B 68 -0.10 -17.62 4.64
CA LYS B 68 -0.15 -19.04 4.30
C LYS B 68 1.24 -19.66 4.24
N LEU B 69 2.20 -18.94 3.67
CA LEU B 69 3.56 -19.47 3.51
C LEU B 69 4.45 -19.19 4.71
N ASN B 70 3.95 -18.47 5.73
CA ASN B 70 4.75 -18.12 6.91
C ASN B 70 6.01 -17.34 6.56
N LYS B 71 5.91 -16.41 5.62
CA LYS B 71 7.08 -15.59 5.31
C LYS B 71 6.63 -14.29 4.66
N ILE B 72 7.47 -13.26 4.78
CA ILE B 72 7.12 -11.93 4.29
C ILE B 72 7.66 -11.66 2.90
N GLU B 73 8.36 -12.63 2.31
CA GLU B 73 8.86 -12.51 0.95
C GLU B 73 8.19 -13.56 0.09
N LEU B 74 7.94 -13.23 -1.17
CA LEU B 74 7.21 -14.10 -2.09
C LEU B 74 8.01 -14.32 -3.37
N SER B 75 9.33 -14.45 -3.25
CA SER B 75 10.21 -14.41 -4.41
C SER B 75 10.08 -15.63 -5.31
N GLU B 76 9.41 -16.69 -4.87
CA GLU B 76 9.13 -17.82 -5.75
C GLU B 76 7.77 -17.69 -6.43
N CYS B 77 7.03 -16.63 -6.13
CA CYS B 77 5.63 -16.47 -6.51
C CYS B 77 5.48 -15.36 -7.54
N GLU B 78 4.37 -15.43 -8.28
CA GLU B 78 3.97 -14.36 -9.18
C GLU B 78 2.54 -13.95 -8.82
N ILE B 79 2.17 -12.73 -9.23
CA ILE B 79 0.85 -12.21 -8.93
C ILE B 79 0.12 -11.87 -10.22
N TYR B 80 -1.15 -12.24 -10.30
CA TYR B 80 -2.03 -11.92 -11.40
C TYR B 80 -3.09 -10.96 -10.89
N ALA B 81 -3.20 -9.79 -11.52
CA ALA B 81 -4.15 -8.76 -11.11
C ALA B 81 -5.11 -8.50 -12.25
N SER B 82 -6.42 -8.52 -11.95
CA SER B 82 -7.40 -8.23 -12.99
C SER B 82 -7.24 -6.81 -13.53
N CYS B 83 -6.72 -5.89 -12.72
CA CYS B 83 -6.52 -4.52 -13.17
C CYS B 83 -5.11 -4.08 -12.80
N GLU B 84 -4.54 -3.22 -13.65
CA GLU B 84 -3.25 -2.58 -13.44
C GLU B 84 -3.12 -2.10 -12.00
N PRO B 85 -2.15 -2.61 -11.23
CA PRO B 85 -2.03 -2.20 -9.83
C PRO B 85 -1.83 -0.71 -9.67
N CYS B 86 -2.49 -0.16 -8.65
CA CYS B 86 -2.38 1.25 -8.30
C CYS B 86 -1.05 1.50 -7.61
N PRO B 87 -0.70 2.76 -7.33
CA PRO B 87 0.57 3.03 -6.64
C PRO B 87 0.73 2.30 -5.32
N MET B 88 -0.33 2.24 -4.51
CA MET B 88 -0.26 1.48 -3.25
C MET B 88 0.04 0.01 -3.54
N CYS B 89 -0.74 -0.59 -4.45
CA CYS B 89 -0.62 -2.01 -4.70
C CYS B 89 0.71 -2.34 -5.36
N PHE B 90 1.16 -1.51 -6.30
CA PHE B 90 2.46 -1.75 -6.92
C PHE B 90 3.58 -1.64 -5.89
N GLY B 91 3.49 -0.68 -4.96
CA GLY B 91 4.47 -0.61 -3.89
C GLY B 91 4.45 -1.86 -3.02
N ALA B 92 3.25 -2.36 -2.71
CA ALA B 92 3.15 -3.59 -1.92
C ALA B 92 3.76 -4.77 -2.66
N ILE B 93 3.54 -4.84 -3.97
CA ILE B 93 4.13 -5.91 -4.79
C ILE B 93 5.65 -5.81 -4.75
N HIS B 94 6.18 -4.59 -4.82
CA HIS B 94 7.63 -4.43 -4.72
C HIS B 94 8.16 -4.91 -3.36
N LEU B 95 7.48 -4.51 -2.28
CA LEU B 95 8.00 -4.86 -0.94
C LEU B 95 7.89 -6.36 -0.65
N SER B 96 6.96 -7.06 -1.30
CA SER B 96 6.77 -8.48 -1.06
C SER B 96 7.74 -9.35 -1.82
N ARG B 97 8.58 -8.76 -2.69
CA ARG B 97 9.59 -9.46 -3.47
C ARG B 97 8.99 -10.44 -4.47
N LEU B 98 7.69 -10.32 -4.78
CA LEU B 98 7.10 -11.09 -5.86
C LEU B 98 7.95 -10.96 -7.12
N LYS B 99 8.14 -12.07 -7.83
CA LYS B 99 9.10 -12.07 -8.93
C LYS B 99 8.50 -11.61 -10.26
N ARG B 100 7.18 -11.65 -10.42
CA ARG B 100 6.57 -11.28 -11.68
C ARG B 100 5.15 -10.81 -11.45
N LEU B 101 4.71 -9.84 -12.26
CA LEU B 101 3.35 -9.34 -12.22
C LEU B 101 2.72 -9.45 -13.61
N VAL B 102 1.53 -10.01 -13.68
CA VAL B 102 0.71 -10.04 -14.89
C VAL B 102 -0.61 -9.35 -14.56
N TYR B 103 -0.97 -8.36 -15.36
CA TYR B 103 -2.25 -7.67 -15.14
C TYR B 103 -3.05 -7.63 -16.43
N GLY B 104 -4.37 -7.58 -16.28
CA GLY B 104 -5.26 -7.73 -17.40
C GLY B 104 -5.72 -6.44 -18.04
N ALA B 105 -6.45 -5.62 -17.28
CA ALA B 105 -6.99 -4.38 -17.78
C ALA B 105 -6.07 -3.21 -17.44
N LYS B 106 -5.97 -2.25 -18.35
CA LYS B 106 -5.27 -1.01 -18.04
C LYS B 106 -6.13 -0.17 -17.11
N ALA B 107 -5.47 0.73 -16.36
CA ALA B 107 -6.18 1.50 -15.34
C ALA B 107 -7.30 2.32 -15.94
N GLU B 108 -7.14 2.77 -17.19
CA GLU B 108 -8.14 3.61 -17.83
C GLU B 108 -9.50 2.94 -17.88
N ALA B 109 -9.55 1.61 -18.03
CA ALA B 109 -10.85 0.94 -18.05
C ALA B 109 -11.56 1.04 -16.71
N ALA B 110 -10.81 1.13 -15.61
CA ALA B 110 -11.43 1.34 -14.31
C ALA B 110 -11.79 2.80 -14.10
N ILE B 111 -10.93 3.71 -14.53
CA ILE B 111 -11.25 5.14 -14.43
C ILE B 111 -12.53 5.46 -15.19
N ALA B 112 -12.75 4.75 -16.31
CA ALA B 112 -13.92 5.01 -17.14
C ALA B 112 -15.24 4.93 -16.37
N ILE B 113 -15.33 4.05 -15.37
CA ILE B 113 -16.57 3.88 -14.62
C ILE B 113 -16.57 4.67 -13.31
N GLY B 114 -15.57 5.52 -13.09
CA GLY B 114 -15.60 6.47 -11.98
C GLY B 114 -14.48 6.35 -10.97
N PHE B 115 -13.64 5.32 -11.02
CA PHE B 115 -12.57 5.21 -10.03
C PHE B 115 -11.53 6.31 -10.24
N ASP B 116 -10.74 6.56 -9.20
CA ASP B 116 -9.83 7.69 -9.21
C ASP B 116 -8.75 7.51 -10.29
N ASP B 117 -8.34 8.64 -10.85
CA ASP B 117 -7.27 8.72 -11.85
C ASP B 117 -5.92 8.60 -11.14
N PHE B 118 -5.63 7.38 -10.69
CA PHE B 118 -4.62 7.10 -9.66
C PHE B 118 -3.72 5.97 -10.16
N ILE B 119 -2.59 6.33 -10.79
CA ILE B 119 -1.81 5.39 -11.60
C ILE B 119 -0.36 5.35 -11.12
N ALA B 120 0.23 4.15 -11.12
CA ALA B 120 1.56 3.95 -10.54
C ALA B 120 2.64 4.37 -11.54
N ASP B 121 3.32 5.47 -11.24
CA ASP B 121 4.46 5.92 -12.05
C ASP B 121 5.48 4.81 -12.26
N ALA B 122 5.78 4.04 -11.21
CA ALA B 122 6.83 3.03 -11.32
C ALA B 122 6.45 1.89 -12.24
N LEU B 123 5.16 1.58 -12.34
CA LEU B 123 4.73 0.53 -13.27
C LEU B 123 4.89 1.00 -14.71
N ARG B 124 4.49 2.22 -15.01
CA ARG B 124 4.55 2.74 -16.36
C ARG B 124 5.91 3.36 -16.71
N GLY B 125 6.83 3.45 -15.75
CA GLY B 125 8.17 3.90 -16.03
C GLY B 125 8.34 5.39 -16.12
N THR B 126 7.58 6.15 -15.33
CA THR B 126 7.55 7.60 -15.46
C THR B 126 8.12 8.33 -14.24
N GLY B 127 8.82 7.62 -13.35
CA GLY B 127 9.27 8.20 -12.11
C GLY B 127 10.69 8.76 -12.17
N VAL B 128 10.96 9.72 -11.30
CA VAL B 128 12.32 10.20 -11.05
C VAL B 128 13.01 9.34 -10.00
N TYR B 129 12.36 9.12 -8.86
CA TYR B 129 12.96 8.37 -7.76
C TYR B 129 12.64 6.87 -7.82
N GLN B 130 11.37 6.52 -7.97
CA GLN B 130 10.97 5.11 -7.92
C GLN B 130 11.16 4.48 -9.29
N LYS B 131 12.03 3.47 -9.35
CA LYS B 131 12.28 2.70 -10.56
C LYS B 131 12.14 1.23 -10.21
N SER B 132 11.54 0.47 -11.11
CA SER B 132 11.22 -0.93 -10.85
C SER B 132 11.99 -1.83 -11.80
N SER B 133 12.60 -2.88 -11.25
CA SER B 133 13.20 -3.95 -12.03
C SER B 133 12.31 -5.19 -12.08
N LEU B 134 11.09 -5.09 -11.54
CA LEU B 134 10.15 -6.20 -11.55
C LEU B 134 9.72 -6.50 -12.98
N GLU B 135 9.64 -7.79 -13.31
CA GLU B 135 9.14 -8.18 -14.60
C GLU B 135 7.62 -8.01 -14.64
N ILE B 136 7.14 -7.19 -15.56
CA ILE B 136 5.74 -6.82 -15.67
C ILE B 136 5.25 -7.23 -17.04
N LYS B 137 4.13 -7.95 -17.07
CA LYS B 137 3.50 -8.35 -18.32
C LYS B 137 2.10 -7.77 -18.37
N LYS B 138 1.85 -6.91 -19.34
CA LYS B 138 0.48 -6.50 -19.65
C LYS B 138 -0.14 -7.55 -20.57
N ALA B 139 -1.26 -8.12 -20.16
CA ALA B 139 -1.89 -9.16 -20.95
C ALA B 139 -2.34 -8.63 -22.30
N ASP B 140 -2.34 -9.52 -23.29
CA ASP B 140 -2.83 -9.24 -24.63
C ASP B 140 -3.98 -10.18 -24.93
N GLY B 141 -4.66 -9.90 -26.04
CA GLY B 141 -5.63 -10.84 -26.59
C GLY B 141 -6.80 -11.13 -25.66
N ASN B 142 -7.16 -12.42 -25.59
CA ASN B 142 -8.41 -12.83 -24.96
C ASN B 142 -8.43 -12.48 -23.47
N GLY B 143 -7.34 -12.78 -22.77
CA GLY B 143 -7.27 -12.46 -21.35
C GLY B 143 -7.43 -10.98 -21.11
N ALA B 144 -6.74 -10.16 -21.92
CA ALA B 144 -6.87 -8.71 -21.80
C ALA B 144 -8.31 -8.25 -22.02
N ALA B 145 -8.97 -8.78 -23.06
CA ALA B 145 -10.34 -8.33 -23.35
C ALA B 145 -11.30 -8.72 -22.22
N ILE B 146 -11.18 -9.96 -21.75
CA ILE B 146 -12.00 -10.42 -20.63
C ILE B 146 -11.80 -9.53 -19.42
N ALA B 147 -10.54 -9.18 -19.14
CA ALA B 147 -10.26 -8.34 -17.98
C ALA B 147 -10.84 -6.93 -18.16
N GLU B 148 -10.66 -6.33 -19.34
CA GLU B 148 -11.13 -4.97 -19.52
C GLU B 148 -12.65 -4.88 -19.45
N GLN B 149 -13.36 -5.96 -19.81
CA GLN B 149 -14.81 -5.88 -19.85
C GLN B 149 -15.49 -5.91 -18.48
N VAL B 150 -14.75 -6.22 -17.41
CA VAL B 150 -15.39 -6.36 -16.10
C VAL B 150 -16.06 -5.07 -15.67
N PHE B 151 -15.45 -3.93 -15.99
CA PHE B 151 -15.94 -2.67 -15.44
C PHE B 151 -17.26 -2.26 -16.07
N GLN B 152 -17.37 -2.39 -17.39
CA GLN B 152 -18.66 -2.16 -18.03
C GLN B 152 -19.69 -3.22 -17.66
N ASN B 153 -19.25 -4.44 -17.29
CA ASN B 153 -20.25 -5.41 -16.87
C ASN B 153 -20.73 -5.18 -15.44
N THR B 154 -19.93 -4.52 -14.60
CA THR B 154 -20.24 -4.35 -13.18
C THR B 154 -20.63 -2.92 -12.83
N LYS B 155 -20.91 -2.08 -13.84
CA LYS B 155 -20.98 -0.62 -13.72
C LYS B 155 -21.52 -0.10 -12.39
N GLU B 156 -22.79 -0.35 -12.06
CA GLU B 156 -23.38 0.23 -10.86
C GLU B 156 -24.00 -0.85 -9.97
N LYS B 157 -23.33 -2.00 -9.87
CA LYS B 157 -23.72 -3.04 -8.93
C LYS B 157 -22.89 -3.00 -7.64
N PHE B 158 -22.17 -1.91 -7.39
CA PHE B 158 -21.38 -1.78 -6.17
C PHE B 158 -21.29 -0.31 -5.78
N ARG B 159 -20.90 -0.09 -4.53
CA ARG B 159 -20.65 1.23 -4.00
C ARG B 159 -19.23 1.68 -4.35
N LEU B 160 -19.12 2.86 -4.95
CA LEU B 160 -17.81 3.38 -5.32
C LEU B 160 -17.09 3.95 -4.10
N TYR B 161 -15.76 3.92 -4.17
CA TYR B 161 -14.89 4.29 -3.04
C TYR B 161 -13.55 4.83 -3.54
ZN ZN C . 5.57 2.43 3.69
N9 NOS D . 10.22 0.96 5.45
C4 NOS D . 9.31 1.76 5.99
N3 NOS D . 9.00 3.08 5.83
C2 NOS D . 8.01 3.62 6.58
N1 NOS D . 7.31 2.88 7.47
C6 NOS D . 7.62 1.59 7.63
O6 NOS D . 6.73 1.04 8.65
C5 NOS D . 8.64 1.02 6.88
N7 NOS D . 9.14 -0.26 6.85
C8 NOS D . 10.11 -0.30 5.97
C5' NOS D . 12.16 4.51 3.63
O5' NOS D . 10.84 4.84 3.20
C4' NOS D . 12.42 3.03 3.52
O4' NOS D . 11.98 2.36 4.74
C1' NOS D . 11.18 1.25 4.38
C2' NOS D . 10.52 1.65 3.07
O2' NOS D . 9.99 0.54 2.39
C3' NOS D . 11.70 2.32 2.36
O3' NOS D . 12.55 1.32 1.81
ZN ZN E . -4.43 -1.00 -5.45
N9 NOS F . -9.13 0.48 -7.29
C4 NOS F . -8.49 -0.68 -7.39
N3 NOS F . -7.50 -1.13 -8.20
C2 NOS F . -7.04 -2.41 -8.08
N1 NOS F . -7.55 -3.23 -7.12
C6 NOS F . -8.51 -2.77 -6.31
O6 NOS F . -8.86 -3.86 -5.40
C5 NOS F . -8.99 -1.47 -6.44
N7 NOS F . -9.96 -0.78 -5.76
C8 NOS F . -10.04 0.43 -6.27
C5' NOS F . -7.67 1.86 -11.34
O5' NOS F . -6.63 1.00 -10.89
C4' NOS F . -8.44 2.48 -10.20
O4' NOS F . -9.12 1.44 -9.44
C1' NOS F . -8.96 1.72 -8.07
C2' NOS F . -7.58 2.34 -7.96
O2' NOS F . -7.39 3.00 -6.72
C3' NOS F . -7.59 3.27 -9.19
O3' NOS F . -8.25 4.48 -8.87
#